data_1NWW
#
_entry.id   1NWW
#
_cell.length_a   45.548
_cell.length_b   47.652
_cell.length_c   129.701
_cell.angle_alpha   90.00
_cell.angle_beta   90.00
_cell.angle_gamma   90.00
#
_symmetry.space_group_name_H-M   'P 21 21 21'
#
loop_
_entity.id
_entity.type
_entity.pdbx_description
1 polymer 'Limonene-1,2-epoxide hydrolase'
2 non-polymer HEPTANAMIDE
3 non-polymer '2-(N-MORPHOLINO)-ETHANESULFONIC ACID'
4 water water
#
_entity_poly.entity_id   1
_entity_poly.type   'polypeptide(L)'
_entity_poly.pdbx_seq_one_letter_code
;MTSKIEQPRWASKDSAAGAASTPDEKIVLEFMDALTSNDAAKLIEYFAEDTMYQNMPLPPAYGRDAVEQTLAGLFTVMSI
DAVETFHIGSSNGLVYTERVDVLRALPTGKSYNLSILGVFQLTEGKITGWRDYFDLREFEEAVDLPLRG
;
_entity_poly.pdbx_strand_id   A,B
#
loop_
_chem_comp.id
_chem_comp.type
_chem_comp.name
_chem_comp.formula
HPN non-polymer HEPTANAMIDE 'C7 H15 N O'
MES non-polymer '2-(N-MORPHOLINO)-ETHANESULFONIC ACID' 'C6 H13 N O4 S'
#
# COMPACT_ATOMS: atom_id res chain seq x y z
N ILE A 5 3.36 19.49 -1.31
CA ILE A 5 3.90 18.17 -0.91
C ILE A 5 5.39 18.30 -0.72
N GLU A 6 5.81 18.03 0.49
CA GLU A 6 7.20 17.95 0.80
C GLU A 6 7.71 16.50 0.89
N GLN A 7 9.00 16.38 0.64
CA GLN A 7 9.70 15.11 0.52
C GLN A 7 9.96 14.36 1.82
N PRO A 8 9.52 13.10 1.90
CA PRO A 8 9.80 12.31 3.09
C PRO A 8 11.29 12.01 3.36
N ARG A 9 11.77 11.88 4.62
CA ARG A 9 13.15 11.49 4.92
C ARG A 9 13.57 10.27 4.15
N TRP A 10 12.64 9.29 4.05
CA TRP A 10 12.92 8.02 3.44
C TRP A 10 12.87 8.01 1.90
N ALA A 11 12.38 9.06 1.25
CA ALA A 11 12.18 9.04 -0.22
C ALA A 11 13.48 9.22 -0.96
N SER A 12 13.68 8.47 -2.02
CA SER A 12 14.94 8.58 -2.77
C SER A 12 15.07 9.91 -3.43
N LYS A 13 16.28 10.48 -3.36
CA LYS A 13 16.59 11.72 -4.06
C LYS A 13 17.25 11.45 -5.40
N ASP A 14 17.42 10.16 -5.77
CA ASP A 14 18.07 9.74 -7.02
C ASP A 14 17.39 10.37 -8.16
N SER A 15 18.14 10.75 -9.20
CA SER A 15 17.50 11.42 -10.32
C SER A 15 16.44 10.56 -11.02
N ALA A 16 16.57 9.22 -10.94
CA ALA A 16 15.64 8.28 -11.58
C ALA A 16 14.49 7.78 -10.67
N ALA A 17 14.48 8.13 -9.39
CA ALA A 17 13.53 7.48 -8.40
C ALA A 17 12.02 7.09 -8.71
N GLY A 18 11.34 8.07 -9.23
CA GLY A 18 9.92 7.99 -9.59
C GLY A 18 9.77 8.11 -11.10
N ALA A 19 10.82 7.77 -11.86
CA ALA A 19 10.76 7.86 -13.30
C ALA A 19 10.54 6.52 -13.87
N ALA A 20 9.78 6.48 -14.94
CA ALA A 20 9.42 5.25 -15.61
C ALA A 20 10.63 4.64 -16.29
N SER A 21 10.74 3.32 -16.21
CA SER A 21 11.81 2.59 -16.87
C SER A 21 11.29 1.52 -17.80
N THR A 22 9.95 1.45 -17.95
CA THR A 22 9.30 0.48 -18.83
C THR A 22 8.08 1.13 -19.45
N PRO A 23 7.58 0.53 -20.50
CA PRO A 23 6.35 0.97 -21.14
C PRO A 23 5.19 1.05 -20.13
N ASP A 24 5.00 0.01 -19.35
CA ASP A 24 3.91 0.05 -18.37
C ASP A 24 4.07 1.16 -17.33
N GLU A 25 5.29 1.35 -16.87
CA GLU A 25 5.54 2.42 -15.89
C GLU A 25 5.20 3.76 -16.51
N LYS A 26 5.53 3.91 -17.80
CA LYS A 26 5.24 5.13 -18.49
C LYS A 26 3.75 5.45 -18.54
N ILE A 27 2.96 4.42 -18.85
CA ILE A 27 1.50 4.55 -18.90
C ILE A 27 1.00 4.96 -17.47
N VAL A 28 1.53 4.33 -16.43
CA VAL A 28 1.03 4.60 -15.08
C VAL A 28 1.35 6.05 -14.69
N LEU A 29 2.55 6.55 -15.05
CA LEU A 29 2.87 7.93 -14.72
C LEU A 29 1.99 8.90 -15.55
N GLU A 30 1.62 8.55 -16.80
CA GLU A 30 0.68 9.39 -17.57
C GLU A 30 -0.67 9.41 -16.83
N PHE A 31 -1.08 8.25 -16.34
CA PHE A 31 -2.34 8.15 -15.59
C PHE A 31 -2.30 9.03 -14.33
N MET A 32 -1.18 8.99 -13.60
CA MET A 32 -1.07 9.80 -12.42
C MET A 32 -1.21 11.29 -12.77
N ASP A 33 -0.61 11.70 -13.89
CA ASP A 33 -0.76 13.08 -14.34
C ASP A 33 -2.21 13.42 -14.63
N ALA A 34 -2.93 12.46 -15.17
CA ALA A 34 -4.31 12.67 -15.57
C ALA A 34 -5.26 12.73 -14.36
N LEU A 35 -4.88 12.23 -13.18
CA LEU A 35 -5.80 12.22 -12.03
C LEU A 35 -6.29 13.61 -11.67
N THR A 36 -5.44 14.64 -11.81
CA THR A 36 -5.83 15.99 -11.46
C THR A 36 -6.88 16.57 -12.43
N SER A 37 -7.23 15.85 -13.49
CA SER A 37 -8.36 16.27 -14.32
C SER A 37 -9.69 16.13 -13.60
N ASN A 38 -9.74 15.25 -12.59
CA ASN A 38 -11.02 14.98 -11.87
C ASN A 38 -12.12 14.61 -12.86
N ASP A 39 -11.74 13.92 -13.93
CA ASP A 39 -12.62 13.65 -15.07
C ASP A 39 -12.72 12.15 -15.32
N ALA A 40 -13.78 11.53 -14.82
CA ALA A 40 -13.95 10.09 -14.92
C ALA A 40 -13.96 9.60 -16.38
N ALA A 41 -14.57 10.36 -17.26
CA ALA A 41 -14.63 9.99 -18.69
C ALA A 41 -13.24 9.96 -19.32
N LYS A 42 -12.41 10.90 -18.96
CA LYS A 42 -11.02 10.90 -19.44
C LYS A 42 -10.24 9.71 -18.87
N LEU A 43 -10.43 9.47 -17.58
CA LEU A 43 -9.65 8.44 -16.90
C LEU A 43 -10.03 7.05 -17.35
N ILE A 44 -11.29 6.83 -17.67
CA ILE A 44 -11.76 5.47 -17.96
C ILE A 44 -11.14 4.95 -19.24
N GLU A 45 -10.69 5.85 -20.11
CA GLU A 45 -10.04 5.40 -21.34
C GLU A 45 -8.77 4.60 -21.12
N TYR A 46 -8.19 4.69 -19.92
CA TYR A 46 -6.99 3.94 -19.57
C TYR A 46 -7.28 2.50 -19.22
N PHE A 47 -8.56 2.14 -19.03
CA PHE A 47 -8.95 0.84 -18.49
C PHE A 47 -9.42 -0.15 -19.56
N ALA A 48 -9.07 -1.41 -19.39
CA ALA A 48 -9.68 -2.52 -20.12
C ALA A 48 -11.12 -2.78 -19.70
N GLU A 49 -11.90 -3.45 -20.55
CA GLU A 49 -13.25 -3.85 -20.15
C GLU A 49 -13.26 -4.77 -18.92
N ASP A 50 -12.40 -5.79 -18.90
CA ASP A 50 -12.27 -6.72 -17.76
C ASP A 50 -11.21 -6.08 -16.84
N THR A 51 -11.69 -5.36 -15.83
CA THR A 51 -10.83 -4.57 -14.96
C THR A 51 -11.46 -4.48 -13.60
N MET A 52 -10.71 -3.85 -12.67
CA MET A 52 -11.23 -3.54 -11.37
C MET A 52 -10.46 -2.36 -10.78
N TYR A 53 -11.12 -1.71 -9.84
CA TYR A 53 -10.53 -0.59 -9.09
C TYR A 53 -10.95 -0.70 -7.65
N GLN A 54 -10.01 -0.53 -6.74
CA GLN A 54 -10.36 -0.48 -5.32
C GLN A 54 -9.45 0.45 -4.54
N ASN A 55 -10.09 1.39 -3.83
CA ASN A 55 -9.46 2.07 -2.69
C ASN A 55 -9.63 1.07 -1.54
N MET A 56 -8.53 0.49 -1.08
CA MET A 56 -8.62 -0.68 -0.24
C MET A 56 -9.42 -0.55 1.06
N PRO A 57 -9.64 0.62 1.65
CA PRO A 57 -10.57 0.71 2.79
C PRO A 57 -12.03 0.47 2.42
N LEU A 58 -12.37 0.46 1.16
CA LEU A 58 -13.75 0.46 0.66
C LEU A 58 -13.94 -0.68 -0.33
N PRO A 59 -15.20 -1.01 -0.67
CA PRO A 59 -15.41 -2.16 -1.57
C PRO A 59 -14.89 -1.94 -2.98
N PRO A 60 -14.52 -3.01 -3.64
CA PRO A 60 -14.03 -2.91 -5.01
C PRO A 60 -15.13 -2.67 -6.02
N ALA A 61 -14.72 -2.18 -7.19
CA ALA A 61 -15.56 -2.07 -8.39
C ALA A 61 -14.99 -3.00 -9.43
N TYR A 62 -15.85 -3.83 -10.02
CA TYR A 62 -15.50 -4.81 -11.05
C TYR A 62 -16.17 -4.46 -12.37
N GLY A 63 -15.36 -4.41 -13.42
CA GLY A 63 -15.83 -4.11 -14.77
C GLY A 63 -15.70 -2.61 -15.03
N ARG A 64 -15.50 -2.25 -16.31
CA ARG A 64 -15.19 -0.90 -16.65
C ARG A 64 -16.30 0.09 -16.29
N ASP A 65 -17.56 -0.28 -16.48
CA ASP A 65 -18.66 0.60 -16.15
C ASP A 65 -18.70 0.93 -14.64
N ALA A 66 -18.54 -0.08 -13.80
CA ALA A 66 -18.54 0.14 -12.35
C ALA A 66 -17.38 1.02 -11.92
N VAL A 67 -16.23 0.84 -12.56
CA VAL A 67 -15.07 1.67 -12.27
C VAL A 67 -15.38 3.14 -12.62
N GLU A 68 -15.93 3.36 -13.83
CA GLU A 68 -16.27 4.70 -14.24
C GLU A 68 -17.27 5.37 -13.28
N GLN A 69 -18.29 4.63 -12.87
CA GLN A 69 -19.32 5.14 -11.96
C GLN A 69 -18.74 5.48 -10.60
N THR A 70 -17.77 4.69 -10.17
CA THR A 70 -17.07 4.96 -8.91
C THR A 70 -16.25 6.24 -9.00
N LEU A 71 -15.49 6.39 -10.07
CA LEU A 71 -14.73 7.58 -10.27
C LEU A 71 -15.65 8.81 -10.37
N ALA A 72 -16.75 8.70 -11.10
CA ALA A 72 -17.65 9.85 -11.22
C ALA A 72 -18.18 10.26 -9.84
N GLY A 73 -18.52 9.31 -8.99
CA GLY A 73 -18.92 9.60 -7.64
C GLY A 73 -17.83 10.26 -6.80
N LEU A 74 -16.65 9.69 -6.87
CA LEU A 74 -15.49 10.22 -6.19
C LEU A 74 -15.27 11.69 -6.47
N PHE A 75 -15.31 12.03 -7.75
CA PHE A 75 -15.06 13.40 -8.19
C PHE A 75 -16.23 14.33 -7.94
N THR A 76 -17.36 13.80 -7.48
CA THR A 76 -18.45 14.65 -7.01
C THR A 76 -18.17 15.16 -5.60
N VAL A 77 -17.39 14.39 -4.85
CA VAL A 77 -17.14 14.76 -3.45
C VAL A 77 -15.74 15.30 -3.20
N MET A 78 -14.76 14.93 -4.06
CA MET A 78 -13.44 15.46 -3.81
CA MET A 78 -13.38 15.36 -3.70
C MET A 78 -12.72 15.78 -5.08
N SER A 79 -11.73 16.65 -4.95
CA SER A 79 -10.81 16.98 -6.03
C SER A 79 -9.43 16.44 -5.68
N ILE A 80 -8.77 15.85 -6.65
CA ILE A 80 -7.37 15.51 -6.54
C ILE A 80 -6.61 16.74 -7.10
N ASP A 81 -6.01 17.49 -6.20
CA ASP A 81 -5.38 18.75 -6.57
C ASP A 81 -3.92 18.57 -6.93
N ALA A 82 -3.27 17.49 -6.53
CA ALA A 82 -1.87 17.27 -6.87
C ALA A 82 -1.54 15.82 -6.59
N VAL A 83 -0.59 15.29 -7.34
CA VAL A 83 -0.06 13.96 -7.14
C VAL A 83 1.44 14.00 -7.27
N GLU A 84 2.17 13.43 -6.34
CA GLU A 84 3.62 13.30 -6.45
C GLU A 84 3.97 11.86 -6.21
N THR A 85 4.67 11.25 -7.18
CA THR A 85 5.10 9.88 -7.10
C THR A 85 6.58 9.85 -6.70
N PHE A 86 6.87 9.40 -5.50
CA PHE A 86 8.23 9.31 -5.00
C PHE A 86 9.00 8.15 -5.60
N HIS A 87 8.35 6.99 -5.68
CA HIS A 87 8.95 5.75 -6.12
C HIS A 87 8.01 5.04 -7.07
N ILE A 88 8.56 4.47 -8.14
CA ILE A 88 7.81 3.62 -9.05
C ILE A 88 8.69 2.44 -9.38
N GLY A 89 8.12 1.27 -9.43
CA GLY A 89 8.80 0.05 -9.85
C GLY A 89 7.82 -0.93 -10.42
N SER A 90 8.33 -2.04 -10.93
CA SER A 90 7.47 -3.01 -11.58
C SER A 90 8.14 -4.34 -11.71
N SER A 91 7.34 -5.38 -11.82
CA SER A 91 7.76 -6.72 -12.21
C SER A 91 6.57 -7.54 -12.62
N ASN A 92 6.80 -8.44 -13.57
CA ASN A 92 5.77 -9.44 -13.91
C ASN A 92 4.36 -8.92 -14.17
N GLY A 93 4.22 -7.76 -14.80
CA GLY A 93 2.93 -7.23 -15.21
C GLY A 93 2.28 -6.31 -14.17
N LEU A 94 2.98 -6.08 -13.04
CA LEU A 94 2.44 -5.17 -12.01
CA LEU A 94 2.45 -5.17 -12.02
C LEU A 94 3.39 -3.99 -11.83
N VAL A 95 2.82 -2.81 -11.69
CA VAL A 95 3.50 -1.57 -11.44
C VAL A 95 3.08 -1.08 -10.04
N TYR A 96 4.04 -0.57 -9.27
CA TYR A 96 3.83 -0.07 -7.91
C TYR A 96 4.23 1.38 -7.85
N THR A 97 3.41 2.21 -7.16
CA THR A 97 3.67 3.65 -6.98
C THR A 97 3.58 4.04 -5.51
N GLU A 98 4.63 4.64 -4.96
CA GLU A 98 4.58 5.20 -3.62
C GLU A 98 4.42 6.70 -3.79
N ARG A 99 3.32 7.25 -3.30
CA ARG A 99 2.94 8.60 -3.65
C ARG A 99 2.26 9.34 -2.55
N VAL A 100 2.06 10.63 -2.78
CA VAL A 100 1.13 11.43 -1.99
C VAL A 100 0.17 12.09 -2.99
N ASP A 101 -1.14 11.99 -2.67
CA ASP A 101 -2.14 12.70 -3.43
C ASP A 101 -2.74 13.75 -2.52
N VAL A 102 -2.84 14.99 -3.00
CA VAL A 102 -3.49 16.06 -2.23
C VAL A 102 -4.98 16.05 -2.60
N LEU A 103 -5.81 15.77 -1.59
CA LEU A 103 -7.25 15.65 -1.81
CA LEU A 103 -7.24 15.67 -1.81
C LEU A 103 -7.98 16.77 -1.08
N ARG A 104 -8.95 17.35 -1.76
CA ARG A 104 -9.77 18.44 -1.20
C ARG A 104 -11.23 18.01 -1.21
N ALA A 105 -11.86 18.05 -0.04
CA ALA A 105 -13.24 17.63 0.13
C ALA A 105 -14.13 18.80 -0.28
N LEU A 106 -14.88 18.62 -1.35
CA LEU A 106 -15.71 19.71 -1.85
C LEU A 106 -16.74 20.23 -0.86
N PRO A 107 -17.38 19.36 -0.04
CA PRO A 107 -18.38 19.87 0.90
C PRO A 107 -17.82 20.78 1.98
N THR A 108 -16.56 20.62 2.34
CA THR A 108 -15.99 21.35 3.47
C THR A 108 -14.88 22.34 3.11
N GLY A 109 -14.32 22.20 1.93
CA GLY A 109 -13.21 23.02 1.52
C GLY A 109 -11.88 22.64 2.16
N LYS A 110 -11.83 21.56 2.91
CA LYS A 110 -10.60 21.17 3.60
C LYS A 110 -9.80 20.15 2.78
N SER A 111 -8.49 20.22 2.91
CA SER A 111 -7.60 19.35 2.16
C SER A 111 -6.76 18.47 3.08
N TYR A 112 -6.20 17.43 2.50
CA TYR A 112 -5.32 16.48 3.20
C TYR A 112 -4.35 15.89 2.22
N ASN A 113 -3.12 15.71 2.69
CA ASN A 113 -2.05 15.06 1.94
C ASN A 113 -2.06 13.58 2.29
N LEU A 114 -2.59 12.77 1.38
CA LEU A 114 -2.79 11.34 1.60
C LEU A 114 -1.64 10.48 1.10
N SER A 115 -1.00 9.78 2.02
CA SER A 115 0.09 8.86 1.69
C SER A 115 -0.49 7.55 1.15
N ILE A 116 -0.07 7.15 -0.04
CA ILE A 116 -0.63 6.02 -0.74
C ILE A 116 0.46 5.14 -1.31
N LEU A 117 0.27 3.84 -1.23
CA LEU A 117 1.02 2.87 -2.02
C LEU A 117 0.01 2.16 -2.87
N GLY A 118 0.20 2.19 -4.20
CA GLY A 118 -0.74 1.63 -5.14
C GLY A 118 -0.09 0.65 -6.08
N VAL A 119 -0.92 -0.26 -6.59
CA VAL A 119 -0.54 -1.28 -7.54
C VAL A 119 -1.47 -1.23 -8.75
N PHE A 120 -0.85 -1.43 -9.92
CA PHE A 120 -1.54 -1.38 -11.21
C PHE A 120 -1.16 -2.63 -12.01
N GLN A 121 -2.14 -3.29 -12.56
CA GLN A 121 -1.94 -4.43 -13.48
C GLN A 121 -2.34 -3.97 -14.85
N LEU A 122 -1.44 -4.16 -15.81
CA LEU A 122 -1.69 -3.79 -17.18
C LEU A 122 -1.59 -4.98 -18.11
N THR A 123 -2.51 -4.98 -19.06
CA THR A 123 -2.52 -6.01 -20.15
C THR A 123 -2.58 -5.21 -21.46
N GLU A 124 -1.56 -5.33 -22.29
CA GLU A 124 -1.57 -4.63 -23.61
C GLU A 124 -1.80 -3.12 -23.45
N GLY A 125 -1.18 -2.56 -22.41
CA GLY A 125 -1.19 -1.13 -22.22
C GLY A 125 -2.44 -0.58 -21.54
N LYS A 126 -3.37 -1.44 -21.14
CA LYS A 126 -4.63 -1.00 -20.48
C LYS A 126 -4.69 -1.56 -19.08
N ILE A 127 -5.35 -0.81 -18.19
CA ILE A 127 -5.42 -1.18 -16.78
C ILE A 127 -6.45 -2.27 -16.56
N THR A 128 -6.02 -3.44 -16.04
CA THR A 128 -6.90 -4.52 -15.63
C THR A 128 -7.11 -4.57 -14.15
N GLY A 129 -6.32 -3.80 -13.38
CA GLY A 129 -6.55 -3.69 -11.93
C GLY A 129 -5.79 -2.47 -11.42
N TRP A 130 -6.43 -1.77 -10.47
CA TRP A 130 -5.79 -0.64 -9.77
C TRP A 130 -6.26 -0.68 -8.34
N ARG A 131 -5.32 -0.87 -7.40
CA ARG A 131 -5.64 -0.91 -5.97
C ARG A 131 -4.74 0.07 -5.23
N ASP A 132 -5.34 1.00 -4.52
CA ASP A 132 -4.62 1.97 -3.70
C ASP A 132 -4.83 1.67 -2.23
N TYR A 133 -3.71 1.61 -1.51
CA TYR A 133 -3.70 1.29 -0.07
C TYR A 133 -3.30 2.54 0.71
N PHE A 134 -4.10 2.81 1.74
CA PHE A 134 -3.94 3.99 2.60
C PHE A 134 -4.90 3.87 3.76
N ASP A 135 -4.73 4.78 4.71
CA ASP A 135 -5.61 4.86 5.90
C ASP A 135 -6.74 5.84 5.67
N LEU A 136 -7.98 5.38 5.73
CA LEU A 136 -9.11 6.25 5.47
C LEU A 136 -9.45 7.17 6.62
N ARG A 137 -9.37 6.70 7.85
CA ARG A 137 -9.85 7.49 8.98
C ARG A 137 -9.12 8.80 9.13
N GLU A 138 -7.78 8.78 9.01
CA GLU A 138 -6.98 10.00 9.16
C GLU A 138 -7.43 11.06 8.15
N PHE A 139 -7.70 10.63 6.95
CA PHE A 139 -8.18 11.52 5.89
C PHE A 139 -9.56 12.09 6.29
N GLU A 140 -10.48 11.22 6.66
CA GLU A 140 -11.81 11.64 7.05
C GLU A 140 -11.80 12.66 8.15
N GLU A 141 -10.97 12.43 9.14
CA GLU A 141 -10.88 13.34 10.29
C GLU A 141 -10.32 14.68 9.89
N ALA A 142 -9.40 14.69 8.96
CA ALA A 142 -8.78 15.96 8.55
C ALA A 142 -9.73 16.80 7.73
N VAL A 143 -10.63 16.19 6.98
CA VAL A 143 -11.50 16.95 6.05
C VAL A 143 -12.97 17.04 6.45
N ASP A 144 -13.35 16.45 7.59
CA ASP A 144 -14.71 16.51 8.11
C ASP A 144 -15.76 15.93 7.21
N LEU A 145 -15.48 14.76 6.67
CA LEU A 145 -16.47 14.09 5.91
C LEU A 145 -16.36 12.57 6.11
N PRO A 146 -17.47 11.90 6.46
CA PRO A 146 -17.42 10.46 6.69
C PRO A 146 -17.45 9.69 5.43
N LEU A 147 -16.30 9.18 5.10
CA LEU A 147 -16.05 8.62 3.82
C LEU A 147 -16.49 7.20 3.60
N ARG A 148 -17.03 6.55 4.59
CA ARG A 148 -17.72 5.25 4.41
C ARG A 148 -19.22 5.40 4.20
N GLY A 149 -19.73 6.62 4.23
CA GLY A 149 -21.14 6.92 3.99
C GLY A 149 -21.77 7.40 5.27
N LYS B 4 -8.90 -19.75 5.16
CA LYS B 4 -8.45 -18.70 6.10
C LYS B 4 -8.08 -17.45 5.31
N ILE B 5 -7.05 -17.45 4.44
CA ILE B 5 -6.84 -16.32 3.52
C ILE B 5 -7.36 -16.71 2.15
N GLU B 6 -8.35 -16.02 1.64
CA GLU B 6 -8.69 -16.47 0.30
C GLU B 6 -8.02 -15.65 -0.82
N GLN B 7 -7.94 -16.34 -1.93
CA GLN B 7 -7.29 -15.83 -3.12
C GLN B 7 -8.16 -14.83 -3.78
N PRO B 8 -7.66 -13.61 -3.97
CA PRO B 8 -8.51 -12.60 -4.57
C PRO B 8 -8.78 -12.80 -6.06
N ARG B 9 -9.91 -12.29 -6.55
CA ARG B 9 -10.26 -12.37 -7.94
C ARG B 9 -9.24 -11.71 -8.83
N TRP B 10 -8.54 -10.69 -8.32
CA TRP B 10 -7.56 -9.91 -9.03
C TRP B 10 -6.16 -10.44 -8.97
N ALA B 11 -5.96 -11.55 -8.31
CA ALA B 11 -4.60 -12.14 -8.33
C ALA B 11 -4.05 -12.33 -9.74
N SER B 12 -2.78 -12.03 -9.92
CA SER B 12 -2.12 -12.23 -11.19
C SER B 12 -2.04 -13.71 -11.56
N LYS B 13 -2.16 -13.99 -12.85
CA LYS B 13 -1.96 -15.35 -13.34
C LYS B 13 -0.53 -15.61 -13.80
N ASP B 14 0.38 -14.68 -13.56
CA ASP B 14 1.80 -14.86 -13.93
C ASP B 14 2.50 -15.45 -12.69
N SER B 15 3.02 -16.67 -12.81
CA SER B 15 3.68 -17.29 -11.65
C SER B 15 4.85 -16.48 -11.08
N ALA B 16 5.57 -15.78 -11.96
CA ALA B 16 6.70 -15.02 -11.51
C ALA B 16 6.24 -13.84 -10.63
N ALA B 17 5.02 -13.35 -10.84
CA ALA B 17 4.48 -12.27 -9.99
C ALA B 17 4.27 -12.75 -8.58
N GLY B 18 3.99 -14.04 -8.32
CA GLY B 18 3.84 -14.54 -6.96
C GLY B 18 5.09 -15.17 -6.37
N ALA B 19 6.19 -15.21 -7.11
CA ALA B 19 7.42 -15.84 -6.63
C ALA B 19 8.54 -14.82 -6.51
N ALA B 20 9.43 -14.99 -5.57
CA ALA B 20 10.63 -14.14 -5.50
C ALA B 20 11.50 -14.42 -6.73
N SER B 21 11.93 -13.35 -7.39
CA SER B 21 12.61 -13.49 -8.65
C SER B 21 13.99 -12.85 -8.63
N THR B 22 14.39 -12.32 -7.46
CA THR B 22 15.70 -11.75 -7.23
C THR B 22 16.18 -12.12 -5.85
N PRO B 23 17.47 -12.02 -5.56
CA PRO B 23 17.96 -12.26 -4.21
C PRO B 23 17.28 -11.35 -3.17
N ASP B 24 17.10 -10.05 -3.43
CA ASP B 24 16.42 -9.21 -2.44
C ASP B 24 14.97 -9.64 -2.21
N GLU B 25 14.28 -10.01 -3.27
CA GLU B 25 12.91 -10.50 -3.11
C GLU B 25 12.86 -11.78 -2.27
N LYS B 26 13.87 -12.64 -2.47
CA LYS B 26 13.93 -13.86 -1.66
C LYS B 26 14.06 -13.56 -0.16
N ILE B 27 14.89 -12.60 0.19
CA ILE B 27 15.05 -12.21 1.59
C ILE B 27 13.73 -11.67 2.14
N VAL B 28 13.04 -10.85 1.36
CA VAL B 28 11.76 -10.28 1.83
C VAL B 28 10.77 -11.41 2.10
N LEU B 29 10.69 -12.42 1.25
CA LEU B 29 9.79 -13.54 1.54
C LEU B 29 10.22 -14.36 2.75
N GLU B 30 11.52 -14.49 2.96
CA GLU B 30 11.97 -15.14 4.18
C GLU B 30 11.51 -14.35 5.40
N PHE B 31 11.62 -13.02 5.31
CA PHE B 31 11.18 -12.17 6.40
C PHE B 31 9.68 -12.29 6.63
N MET B 32 8.90 -12.36 5.56
CA MET B 32 7.46 -12.56 5.69
C MET B 32 7.16 -13.87 6.43
N ASP B 33 7.90 -14.95 6.09
CA ASP B 33 7.72 -16.22 6.77
C ASP B 33 8.05 -16.08 8.27
N ALA B 34 9.06 -15.29 8.61
CA ALA B 34 9.50 -15.12 10.00
C ALA B 34 8.53 -14.32 10.86
N LEU B 35 7.67 -13.49 10.24
CA LEU B 35 6.75 -12.65 11.01
C LEU B 35 5.90 -13.44 11.98
N THR B 36 5.53 -14.67 11.60
CA THR B 36 4.65 -15.50 12.45
C THR B 36 5.36 -15.99 13.71
N SER B 37 6.64 -15.73 13.84
CA SER B 37 7.35 -16.02 15.07
C SER B 37 6.91 -15.08 16.18
N ASN B 38 6.40 -13.89 15.85
CA ASN B 38 6.02 -12.90 16.86
C ASN B 38 7.19 -12.55 17.78
N ASP B 39 8.40 -12.59 17.23
CA ASP B 39 9.62 -12.48 18.04
C ASP B 39 10.48 -11.31 17.56
N ALA B 40 10.41 -10.19 18.26
CA ALA B 40 11.10 -8.99 17.86
C ALA B 40 12.61 -9.18 17.80
N ALA B 41 13.14 -9.96 18.73
CA ALA B 41 14.59 -10.24 18.72
C ALA B 41 15.01 -11.04 17.50
N LYS B 42 14.21 -11.98 17.05
CA LYS B 42 14.52 -12.73 15.84
C LYS B 42 14.40 -11.82 14.61
N LEU B 43 13.32 -11.07 14.56
CA LEU B 43 13.03 -10.27 13.39
C LEU B 43 14.03 -9.13 13.23
N ILE B 44 14.54 -8.57 14.32
CA ILE B 44 15.42 -7.42 14.20
C ILE B 44 16.74 -7.76 13.49
N GLU B 45 17.11 -9.04 13.44
CA GLU B 45 18.31 -9.45 12.77
C GLU B 45 18.28 -9.19 11.28
N TYR B 46 17.09 -9.02 10.69
CA TYR B 46 16.96 -8.71 9.28
C TYR B 46 17.29 -7.25 8.96
N PHE B 47 17.39 -6.39 9.96
CA PHE B 47 17.55 -4.95 9.83
C PHE B 47 18.97 -4.44 9.95
N ALA B 48 19.29 -3.46 9.11
CA ALA B 48 20.53 -2.69 9.25
C ALA B 48 20.41 -1.79 10.46
N GLU B 49 21.55 -1.31 10.93
CA GLU B 49 21.53 -0.36 12.04
C GLU B 49 20.83 0.94 11.69
N ASP B 50 21.08 1.43 10.48
CA ASP B 50 20.47 2.68 9.99
C ASP B 50 19.27 2.18 9.16
N THR B 51 18.08 2.36 9.70
CA THR B 51 16.88 1.77 9.12
C THR B 51 15.67 2.56 9.58
N MET B 52 14.51 2.20 9.04
CA MET B 52 13.26 2.76 9.50
C MET B 52 12.12 1.77 9.21
N TYR B 53 11.08 1.87 10.03
CA TYR B 53 9.87 1.06 9.92
C TYR B 53 8.66 1.94 10.15
N GLN B 54 7.66 1.84 9.27
CA GLN B 54 6.42 2.52 9.55
C GLN B 54 5.24 1.71 9.06
N ASN B 55 4.29 1.49 9.97
CA ASN B 55 2.89 1.15 9.61
C ASN B 55 2.25 2.49 9.33
N MET B 56 1.93 2.78 8.08
CA MET B 56 1.63 4.15 7.64
C MET B 56 0.52 4.84 8.38
N PRO B 57 -0.48 4.20 8.97
CA PRO B 57 -1.42 4.93 9.82
C PRO B 57 -0.84 5.50 11.11
N LEU B 58 0.37 5.13 11.48
CA LEU B 58 0.96 5.45 12.77
C LEU B 58 2.36 6.03 12.55
N PRO B 59 2.95 6.66 13.57
CA PRO B 59 4.23 7.31 13.36
C PRO B 59 5.38 6.39 13.01
N PRO B 60 6.39 6.86 12.29
CA PRO B 60 7.53 6.03 11.94
C PRO B 60 8.46 5.81 13.12
N ALA B 61 9.25 4.75 13.01
CA ALA B 61 10.38 4.48 13.89
C ALA B 61 11.65 4.61 13.08
N TYR B 62 12.59 5.41 13.58
CA TYR B 62 13.91 5.58 12.93
C TYR B 62 15.05 5.00 13.78
N GLY B 63 15.87 4.19 13.11
CA GLY B 63 16.99 3.50 13.76
C GLY B 63 16.60 2.14 14.28
N ARG B 64 17.55 1.20 14.30
CA ARG B 64 17.24 -0.17 14.60
C ARG B 64 16.66 -0.34 15.98
N ASP B 65 17.13 0.38 16.99
CA ASP B 65 16.54 0.19 18.32
C ASP B 65 15.06 0.58 18.37
N ALA B 66 14.73 1.74 17.81
CA ALA B 66 13.32 2.15 17.75
C ALA B 66 12.46 1.14 17.02
N VAL B 67 12.98 0.58 15.95
CA VAL B 67 12.27 -0.47 15.21
C VAL B 67 12.01 -1.66 16.12
N GLU B 68 13.07 -2.12 16.81
CA GLU B 68 12.92 -3.25 17.70
C GLU B 68 11.89 -2.99 18.80
N GLN B 69 11.92 -1.80 19.35
CA GLN B 69 11.03 -1.46 20.44
C GLN B 69 9.58 -1.41 19.97
N THR B 70 9.39 -1.00 18.72
CA THR B 70 8.05 -0.97 18.12
C THR B 70 7.54 -2.39 17.93
N LEU B 71 8.37 -3.26 17.35
CA LEU B 71 7.96 -4.64 17.13
C LEU B 71 7.66 -5.31 18.47
N ALA B 72 8.48 -5.06 19.48
CA ALA B 72 8.25 -5.65 20.80
C ALA B 72 6.89 -5.23 21.35
N GLY B 73 6.52 -3.98 21.18
CA GLY B 73 5.21 -3.51 21.60
C GLY B 73 4.10 -4.16 20.77
N LEU B 74 4.30 -4.21 19.44
CA LEU B 74 3.30 -4.86 18.60
CA LEU B 74 3.30 -4.86 18.61
C LEU B 74 2.98 -6.26 19.03
N PHE B 75 4.01 -7.04 19.29
CA PHE B 75 3.81 -8.43 19.62
C PHE B 75 3.35 -8.63 21.05
N THR B 76 3.25 -7.56 21.84
CA THR B 76 2.60 -7.61 23.15
C THR B 76 1.09 -7.57 23.01
N VAL B 77 0.59 -7.00 21.92
CA VAL B 77 -0.83 -6.83 21.72
C VAL B 77 -1.44 -7.71 20.65
N MET B 78 -0.64 -8.16 19.68
CA MET B 78 -1.19 -9.01 18.65
CA MET B 78 -1.26 -8.94 18.56
C MET B 78 -0.24 -10.08 18.21
N SER B 79 -0.82 -11.15 17.65
CA SER B 79 -0.10 -12.22 16.98
C SER B 79 -0.34 -12.09 15.49
N ILE B 80 0.74 -12.26 14.73
CA ILE B 80 0.62 -12.44 13.27
C ILE B 80 0.48 -13.98 13.09
N ASP B 81 -0.73 -14.40 12.81
CA ASP B 81 -1.04 -15.83 12.71
C ASP B 81 -0.73 -16.41 11.34
N ALA B 82 -0.68 -15.59 10.28
CA ALA B 82 -0.42 -16.10 8.93
C ALA B 82 -0.11 -14.89 8.05
N VAL B 83 0.68 -15.13 7.02
CA VAL B 83 1.00 -14.13 6.03
C VAL B 83 0.95 -14.82 4.67
N GLU B 84 0.21 -14.24 3.72
CA GLU B 84 0.23 -14.71 2.33
C GLU B 84 0.57 -13.56 1.42
N THR B 85 1.61 -13.72 0.63
CA THR B 85 2.03 -12.68 -0.31
C THR B 85 1.55 -13.08 -1.69
N PHE B 86 0.64 -12.34 -2.25
CA PHE B 86 0.11 -12.61 -3.59
C PHE B 86 1.05 -12.17 -4.68
N HIS B 87 1.63 -10.99 -4.52
CA HIS B 87 2.46 -10.37 -5.54
C HIS B 87 3.73 -9.80 -4.91
N ILE B 88 4.85 -9.99 -5.60
CA ILE B 88 6.10 -9.42 -5.21
C ILE B 88 6.82 -8.94 -6.45
N GLY B 89 7.43 -7.77 -6.36
CA GLY B 89 8.19 -7.27 -7.47
C GLY B 89 9.18 -6.27 -6.98
N SER B 90 10.02 -5.77 -7.87
CA SER B 90 11.05 -4.85 -7.38
C SER B 90 11.66 -4.04 -8.47
N SER B 91 12.14 -2.85 -8.10
CA SER B 91 12.94 -1.97 -8.99
C SER B 91 13.70 -0.96 -8.14
N ASN B 92 14.86 -0.52 -8.61
CA ASN B 92 15.61 0.57 -8.01
C ASN B 92 15.88 0.42 -6.55
N GLY B 93 16.12 -0.79 -6.13
CA GLY B 93 16.48 -1.01 -4.76
C GLY B 93 15.27 -1.11 -3.84
N LEU B 94 14.03 -1.14 -4.40
CA LEU B 94 12.81 -1.32 -3.61
C LEU B 94 12.04 -2.59 -4.05
N VAL B 95 11.64 -3.34 -3.04
CA VAL B 95 10.80 -4.49 -3.19
C VAL B 95 9.38 -4.13 -2.71
N TYR B 96 8.39 -4.56 -3.46
CA TYR B 96 7.00 -4.30 -3.12
C TYR B 96 6.31 -5.66 -2.90
N THR B 97 5.42 -5.74 -1.88
CA THR B 97 4.66 -6.95 -1.58
C THR B 97 3.19 -6.63 -1.43
N GLU B 98 2.30 -7.33 -2.13
CA GLU B 98 0.87 -7.25 -1.90
C GLU B 98 0.44 -8.48 -1.15
N ARG B 99 -0.10 -8.30 0.07
CA ARG B 99 -0.30 -9.41 0.98
C ARG B 99 -1.56 -9.31 1.78
N VAL B 100 -1.87 -10.41 2.47
CA VAL B 100 -2.77 -10.40 3.59
C VAL B 100 -2.05 -10.95 4.79
N ASP B 101 -2.14 -10.24 5.93
CA ASP B 101 -1.63 -10.74 7.21
C ASP B 101 -2.83 -10.98 8.09
N VAL B 102 -2.88 -12.17 8.68
CA VAL B 102 -3.94 -12.50 9.65
C VAL B 102 -3.48 -12.10 11.01
N LEU B 103 -4.13 -11.13 11.64
CA LEU B 103 -3.78 -10.52 12.91
CA LEU B 103 -3.80 -10.53 12.92
C LEU B 103 -4.80 -10.89 13.99
N ARG B 104 -4.30 -11.36 15.13
CA ARG B 104 -5.14 -11.77 16.23
C ARG B 104 -4.78 -10.91 17.44
N ALA B 105 -5.77 -10.24 17.98
CA ALA B 105 -5.61 -9.38 19.14
C ALA B 105 -5.51 -10.26 20.38
N LEU B 106 -4.42 -10.12 21.12
CA LEU B 106 -4.23 -10.91 22.31
C LEU B 106 -5.26 -10.56 23.41
N PRO B 107 -5.65 -9.30 23.60
CA PRO B 107 -6.65 -9.00 24.65
C PRO B 107 -8.06 -9.53 24.39
N THR B 108 -8.44 -9.73 23.13
CA THR B 108 -9.80 -10.08 22.81
C THR B 108 -10.00 -11.45 22.15
N GLY B 109 -8.95 -12.06 21.61
CA GLY B 109 -9.04 -13.32 20.90
C GLY B 109 -9.58 -13.17 19.46
N LYS B 110 -9.95 -11.95 19.07
CA LYS B 110 -10.55 -11.72 17.76
C LYS B 110 -9.44 -11.54 16.71
N SER B 111 -9.73 -11.97 15.50
CA SER B 111 -8.76 -11.92 14.41
C SER B 111 -9.37 -11.15 13.22
N TYR B 112 -8.47 -10.69 12.36
CA TYR B 112 -8.82 -9.94 11.18
C TYR B 112 -7.81 -10.22 10.08
N ASN B 113 -8.29 -10.37 8.86
CA ASN B 113 -7.47 -10.52 7.67
C ASN B 113 -7.19 -9.16 7.09
N LEU B 114 -5.98 -8.65 7.28
CA LEU B 114 -5.60 -7.30 6.88
C LEU B 114 -4.91 -7.28 5.54
N SER B 115 -5.48 -6.54 4.61
CA SER B 115 -4.90 -6.33 3.27
C SER B 115 -3.84 -5.25 3.34
N ILE B 116 -2.62 -5.57 2.90
CA ILE B 116 -1.48 -4.69 3.00
C ILE B 116 -0.74 -4.62 1.67
N LEU B 117 -0.26 -3.44 1.34
CA LEU B 117 0.76 -3.26 0.30
C LEU B 117 1.94 -2.62 1.00
N GLY B 118 3.09 -3.25 0.88
CA GLY B 118 4.29 -2.80 1.56
C GLY B 118 5.46 -2.64 0.64
N VAL B 119 6.40 -1.82 1.07
CA VAL B 119 7.63 -1.53 0.38
C VAL B 119 8.81 -1.72 1.30
N PHE B 120 9.88 -2.30 0.75
CA PHE B 120 11.11 -2.63 1.49
C PHE B 120 12.30 -2.15 0.72
N GLN B 121 13.23 -1.53 1.43
CA GLN B 121 14.51 -1.16 0.87
C GLN B 121 15.58 -2.00 1.53
N LEU B 122 16.35 -2.71 0.71
CA LEU B 122 17.45 -3.57 1.21
C LEU B 122 18.78 -3.03 0.76
N THR B 123 19.73 -2.98 1.68
CA THR B 123 21.11 -2.59 1.39
C THR B 123 21.98 -3.78 1.82
N GLU B 124 22.70 -4.38 0.87
CA GLU B 124 23.55 -5.56 1.16
C GLU B 124 22.77 -6.63 1.95
N GLY B 125 21.50 -6.81 1.56
CA GLY B 125 20.66 -7.86 2.10
C GLY B 125 20.02 -7.60 3.44
N LYS B 126 20.20 -6.39 3.97
CA LYS B 126 19.59 -6.01 5.24
C LYS B 126 18.57 -4.87 5.02
N ILE B 127 17.51 -4.85 5.82
CA ILE B 127 16.43 -3.89 5.62
C ILE B 127 16.82 -2.52 6.14
N THR B 128 16.80 -1.57 5.22
CA THR B 128 17.02 -0.19 5.52
C THR B 128 15.73 0.65 5.54
N GLY B 129 14.64 0.10 5.05
CA GLY B 129 13.34 0.77 5.17
C GLY B 129 12.25 -0.25 4.94
N TRP B 130 11.17 -0.10 5.70
CA TRP B 130 9.99 -0.98 5.57
C TRP B 130 8.76 -0.13 5.88
N ARG B 131 7.88 0.06 4.89
CA ARG B 131 6.66 0.80 5.11
C ARG B 131 5.47 -0.05 4.63
N ASP B 132 4.52 -0.30 5.51
CA ASP B 132 3.29 -1.04 5.17
C ASP B 132 2.12 -0.08 5.17
N TYR B 133 1.35 -0.13 4.10
CA TYR B 133 0.17 0.69 3.87
C TYR B 133 -1.10 -0.16 3.97
N PHE B 134 -2.05 0.32 4.75
CA PHE B 134 -3.31 -0.37 5.01
C PHE B 134 -4.24 0.58 5.76
N ASP B 135 -5.47 0.13 5.94
CA ASP B 135 -6.48 0.85 6.69
C ASP B 135 -6.49 0.35 8.14
N LEU B 136 -6.32 1.25 9.11
CA LEU B 136 -6.25 0.84 10.50
C LEU B 136 -7.64 0.65 11.12
N ARG B 137 -8.61 1.52 10.79
CA ARG B 137 -9.89 1.52 11.50
C ARG B 137 -10.64 0.22 11.31
N GLU B 138 -10.70 -0.35 10.12
CA GLU B 138 -11.48 -1.56 9.96
C GLU B 138 -10.89 -2.69 10.82
N PHE B 139 -9.59 -2.77 10.88
CA PHE B 139 -8.90 -3.74 11.72
C PHE B 139 -9.28 -3.52 13.19
N GLU B 140 -9.15 -2.28 13.67
CA GLU B 140 -9.50 -1.98 15.05
C GLU B 140 -10.91 -2.38 15.39
N GLU B 141 -11.84 -2.07 14.52
CA GLU B 141 -13.26 -2.38 14.74
C GLU B 141 -13.50 -3.87 14.76
N ALA B 142 -12.81 -4.60 13.93
CA ALA B 142 -13.01 -6.03 13.88
C ALA B 142 -12.49 -6.76 15.13
N VAL B 143 -11.43 -6.27 15.74
CA VAL B 143 -10.79 -6.95 16.85
C VAL B 143 -11.01 -6.30 18.21
N ASP B 144 -11.71 -5.18 18.25
CA ASP B 144 -12.10 -4.53 19.51
C ASP B 144 -10.92 -4.02 20.27
N LEU B 145 -9.97 -3.41 19.59
CA LEU B 145 -8.85 -2.79 20.26
C LEU B 145 -8.50 -1.45 19.58
N PRO B 146 -8.54 -0.32 20.29
CA PRO B 146 -8.20 0.95 19.65
C PRO B 146 -6.73 1.11 19.49
N LEU B 147 -6.29 0.97 18.28
CA LEU B 147 -4.90 0.82 17.95
C LEU B 147 -4.11 2.11 17.74
N ARG B 148 -4.73 3.26 17.94
CA ARG B 148 -3.95 4.54 18.06
C ARG B 148 -3.62 4.94 19.51
N GLY B 149 -3.96 4.06 20.46
CA GLY B 149 -3.72 4.30 21.88
C GLY B 149 -4.80 3.80 22.82
N1 HPN C . -6.16 8.19 -5.52
C1 HPN C . -6.70 9.17 -4.96
O1 HPN C . -6.04 10.20 -4.66
C2 HPN C . -8.13 9.08 -4.68
C3 HPN C . -8.25 8.62 -3.26
C4 HPN C . -9.71 8.81 -2.94
C5 HPN C . -10.12 7.86 -1.86
C6 HPN C . -11.32 8.28 -1.04
C7 HPN C . -12.34 7.20 -0.82
O1 MES D . -9.04 -8.55 -12.91
C2 MES D . -10.07 -7.78 -13.39
C3 MES D . -11.38 -8.42 -12.99
N4 MES D . -11.50 -9.86 -13.35
C5 MES D . -10.37 -10.59 -12.98
C6 MES D . -9.10 -9.86 -13.44
C7 MES D . -12.74 -10.40 -12.74
C8 MES D . -13.08 -11.75 -13.36
S MES D . -14.46 -12.57 -12.65
O1S MES D . -14.06 -12.80 -11.43
O2S MES D . -14.95 -13.72 -13.22
O3S MES D . -15.42 -11.59 -12.61
N1 HPN E . 2.54 -6.34 9.24
C1 HPN E . 1.63 -6.64 10.08
O1 HPN E . 0.88 -7.61 9.83
C2 HPN E . 1.55 -5.83 11.31
C3 HPN E . 0.40 -4.91 11.16
C4 HPN E . 0.31 -4.31 12.55
C5 HPN E . -0.19 -2.90 12.55
C6 HPN E . -0.82 -2.50 13.87
C7 HPN E . -0.06 -1.39 14.57
#